data_1TWZ
#
_entry.id   1TWZ
#
_cell.length_a   97.362
_cell.length_b   97.362
_cell.length_c   262.865
_cell.angle_alpha   90.00
_cell.angle_beta   90.00
_cell.angle_gamma   120.00
#
_symmetry.space_group_name_H-M   'P 62 2 2'
#
loop_
_entity.id
_entity.type
_entity.pdbx_description
1 polymer 'DHPS, Dihydropteroate synthase'
2 non-polymer 'SULFATE ION'
3 non-polymer PTERIN-6-YL-METHYL-MONOPHOSPHATE
4 water water
#
_entity_poly.entity_id   1
_entity_poly.type   'polypeptide(L)'
_entity_poly.pdbx_seq_one_letter_code
;MGSSHHHHHHSSGLVPRGSHMKWDYDLRCGEYTLNLNEKTLIMGILNVTPDSFSDGGSYNEVDAAVRHAKEMRDEGAHII
DIGGESTRPGFAKVSVEEEIKRVVPMIQAVSKEVKLPISIDTYKAEVAKQAIEAGAHIINDIWGAKAEPKIAEVAAHYDV
PIILMHNRDNMNYRNLMADMIADLYDSIKIAKDAGVRDENIILDPGIGFAKTPEQNLEAMRNLEQLNVLGYPVLLGTSRK
SFIGHVLDLPVEERLEGTGATVCLGIEKGCEFVRVHDVKEMSRMAKMMDAMIGKGVK
;
_entity_poly.pdbx_strand_id   A,B
#
# COMPACT_ATOMS: atom_id res chain seq x y z
N LYS A 22 6.83 10.76 -40.23
CA LYS A 22 5.74 11.73 -40.04
C LYS A 22 5.93 12.67 -38.79
N TRP A 23 6.46 12.15 -37.69
CA TRP A 23 7.07 12.99 -36.67
C TRP A 23 8.51 12.58 -36.65
N ASP A 24 9.42 13.53 -36.78
CA ASP A 24 10.79 13.16 -37.03
C ASP A 24 11.58 12.83 -35.73
N TYR A 25 10.85 12.77 -34.62
CA TYR A 25 11.43 12.51 -33.32
C TYR A 25 10.48 11.73 -32.43
N ASP A 26 11.03 11.17 -31.35
CA ASP A 26 10.29 10.49 -30.30
C ASP A 26 10.15 11.35 -29.06
N LEU A 27 9.20 11.00 -28.21
CA LEU A 27 9.06 11.71 -26.97
C LEU A 27 9.98 11.11 -25.93
N ARG A 28 11.01 11.86 -25.56
CA ARG A 28 12.00 11.41 -24.60
C ARG A 28 11.47 11.62 -23.21
N CYS A 29 11.51 10.56 -22.41
CA CYS A 29 10.96 10.57 -21.07
C CYS A 29 11.79 9.69 -20.17
N GLY A 30 13.03 10.10 -19.92
CA GLY A 30 13.92 9.35 -19.04
C GLY A 30 14.04 7.90 -19.51
N GLU A 31 13.67 6.96 -18.65
CA GLU A 31 13.78 5.54 -18.99
C GLU A 31 12.84 5.08 -20.10
N TYR A 32 11.79 5.86 -20.40
CA TYR A 32 10.82 5.46 -21.44
C TYR A 32 10.76 6.42 -22.61
N THR A 33 10.49 5.86 -23.79
CA THR A 33 10.37 6.67 -25.00
C THR A 33 9.04 6.39 -25.69
N LEU A 34 8.34 7.46 -26.04
CA LEU A 34 7.03 7.32 -26.63
C LEU A 34 7.12 7.73 -28.07
N ASN A 35 6.85 6.76 -28.93
CA ASN A 35 6.76 7.01 -30.35
C ASN A 35 5.48 7.78 -30.65
N LEU A 36 5.56 8.75 -31.56
CA LEU A 36 4.39 9.57 -31.86
C LEU A 36 3.68 9.12 -33.15
N ASN A 37 4.33 8.22 -33.88
CA ASN A 37 3.81 7.76 -35.16
C ASN A 37 3.01 6.46 -35.15
N GLU A 38 3.32 5.52 -34.28
CA GLU A 38 2.67 4.22 -34.41
C GLU A 38 1.22 4.14 -33.86
N LYS A 39 0.93 4.86 -32.78
CA LYS A 39 -0.44 4.89 -32.24
C LYS A 39 -0.79 6.19 -31.54
N THR A 40 -2.08 6.47 -31.44
CA THR A 40 -2.55 7.45 -30.47
C THR A 40 -2.16 6.98 -29.06
N LEU A 41 -1.40 7.79 -28.33
CA LEU A 41 -1.00 7.43 -27.00
C LEU A 41 -2.11 7.79 -26.01
N ILE A 42 -2.34 6.88 -25.05
CA ILE A 42 -3.45 7.01 -24.10
C ILE A 42 -2.89 7.50 -22.78
N MET A 43 -3.37 8.66 -22.32
CA MET A 43 -3.01 9.11 -20.97
C MET A 43 -4.15 8.80 -20.02
N GLY A 44 -3.85 7.97 -19.02
CA GLY A 44 -4.84 7.51 -18.06
C GLY A 44 -4.94 8.48 -16.91
N ILE A 45 -6.14 8.94 -16.61
CA ILE A 45 -6.32 9.86 -15.51
C ILE A 45 -6.30 9.15 -14.18
N LEU A 46 -5.20 9.28 -13.44
CA LEU A 46 -5.15 8.73 -12.07
C LEU A 46 -6.06 9.46 -11.10
N ASN A 47 -7.00 8.67 -10.60
CA ASN A 47 -8.01 9.12 -9.66
C ASN A 47 -7.41 9.04 -8.24
N VAL A 48 -7.29 10.19 -7.57
CA VAL A 48 -6.40 10.35 -6.40
C VAL A 48 -7.18 10.70 -5.12
N THR A 49 -8.03 9.78 -4.67
CA THR A 49 -8.93 10.01 -3.53
C THR A 49 -8.25 10.05 -2.17
N PRO A 50 -8.06 11.26 -1.63
CA PRO A 50 -7.23 11.45 -0.43
C PRO A 50 -7.89 10.95 0.87
N ASP A 51 -7.10 10.83 1.93
CA ASP A 51 -7.61 10.46 3.23
C ASP A 51 -8.10 11.70 3.96
N SER A 52 -9.39 11.70 4.28
CA SER A 52 -9.98 12.75 5.13
C SER A 52 -9.31 12.78 6.52
N PHE A 53 -8.37 11.86 6.75
CA PHE A 53 -7.73 11.67 8.05
C PHE A 53 -6.21 11.92 8.02
N SER A 54 -5.63 12.02 6.83
CA SER A 54 -4.20 12.30 6.72
C SER A 54 -3.85 13.40 5.69
N ASP A 55 -2.61 13.88 5.79
CA ASP A 55 -2.08 14.91 4.89
C ASP A 55 -0.93 14.39 4.01
N GLY A 56 -0.45 13.18 4.35
CA GLY A 56 0.68 12.55 3.67
C GLY A 56 0.39 11.41 2.68
N GLY A 57 1.17 10.34 2.84
CA GLY A 57 1.12 9.19 1.95
C GLY A 57 0.69 7.95 2.69
N SER A 58 -0.54 8.00 3.20
CA SER A 58 -1.08 6.93 3.99
C SER A 58 -1.46 5.73 3.14
N TYR A 59 -1.53 4.57 3.79
CA TYR A 59 -1.64 3.31 3.07
C TYR A 59 -2.81 3.24 2.08
N ASN A 60 -3.99 3.72 2.49
CA ASN A 60 -5.20 3.61 1.66
C ASN A 60 -5.19 4.41 0.38
N GLU A 61 -4.87 5.70 0.47
CA GLU A 61 -4.85 6.52 -0.74
C GLU A 61 -3.75 6.07 -1.66
N VAL A 62 -2.56 5.83 -1.09
CA VAL A 62 -1.44 5.46 -1.96
C VAL A 62 -1.68 4.08 -2.59
N ASP A 63 -2.27 3.17 -1.82
CA ASP A 63 -2.60 1.84 -2.33
C ASP A 63 -3.73 1.79 -3.39
N ALA A 64 -4.78 2.58 -3.19
CA ALA A 64 -5.83 2.73 -4.20
C ALA A 64 -5.20 3.32 -5.46
N ALA A 65 -4.34 4.31 -5.30
CA ALA A 65 -3.68 4.93 -6.44
C ALA A 65 -2.85 3.91 -7.23
N VAL A 66 -2.02 3.13 -6.52
CA VAL A 66 -1.18 2.12 -7.18
C VAL A 66 -2.05 1.07 -7.87
N ARG A 67 -3.10 0.59 -7.19
CA ARG A 67 -4.00 -0.34 -7.86
C ARG A 67 -4.60 0.24 -9.14
N HIS A 68 -4.87 1.55 -9.17
CA HIS A 68 -5.63 2.10 -10.26
C HIS A 68 -4.75 2.33 -11.47
N ALA A 69 -3.47 2.59 -11.19
CA ALA A 69 -2.46 2.77 -12.24
C ALA A 69 -2.14 1.41 -12.77
N LYS A 70 -2.12 0.42 -11.87
CA LYS A 70 -1.95 -0.95 -12.30
C LYS A 70 -3.07 -1.32 -13.26
N GLU A 71 -4.30 -1.01 -12.91
CA GLU A 71 -5.33 -1.48 -13.77
C GLU A 71 -5.23 -0.71 -15.11
N MET A 72 -5.02 0.60 -15.09
CA MET A 72 -4.91 1.37 -16.35
C MET A 72 -3.75 0.91 -17.22
N ARG A 73 -2.63 0.51 -16.62
CA ARG A 73 -1.57 -0.11 -17.41
C ARG A 73 -2.03 -1.39 -18.13
N ASP A 74 -2.77 -2.25 -17.42
CA ASP A 74 -3.29 -3.49 -18.00
C ASP A 74 -4.34 -3.26 -19.08
N GLU A 75 -4.91 -2.06 -19.10
CA GLU A 75 -6.00 -1.76 -20.00
C GLU A 75 -5.56 -1.06 -21.29
N GLY A 76 -4.29 -0.64 -21.35
CA GLY A 76 -3.77 0.00 -22.54
C GLY A 76 -3.21 1.42 -22.39
N ALA A 77 -3.07 1.91 -21.17
CA ALA A 77 -2.53 3.25 -20.94
C ALA A 77 -1.01 3.37 -21.19
N HIS A 78 -0.60 4.44 -21.87
CA HIS A 78 0.81 4.61 -22.15
C HIS A 78 1.49 5.57 -21.19
N ILE A 79 0.67 6.43 -20.58
CA ILE A 79 1.11 7.43 -19.60
C ILE A 79 0.11 7.41 -18.46
N ILE A 80 0.60 7.62 -17.23
CA ILE A 80 -0.27 7.83 -16.09
C ILE A 80 -0.19 9.28 -15.66
N ASP A 81 -1.35 9.93 -15.60
CA ASP A 81 -1.47 11.35 -15.23
C ASP A 81 -1.95 11.56 -13.79
N ILE A 82 -1.15 12.23 -12.96
CA ILE A 82 -1.43 12.36 -11.53
C ILE A 82 -1.60 13.82 -11.09
N GLY A 83 -2.76 14.13 -10.51
CA GLY A 83 -3.16 15.50 -10.16
C GLY A 83 -3.28 15.65 -8.65
N GLY A 84 -3.02 16.85 -8.14
CA GLY A 84 -3.02 17.09 -6.69
C GLY A 84 -4.33 17.68 -6.19
N GLU A 85 -4.77 18.75 -6.86
CA GLU A 85 -5.97 19.56 -6.54
C GLU A 85 -6.95 19.64 -7.73
N SER A 86 -8.23 19.81 -7.43
CA SER A 86 -9.27 19.74 -8.48
C SER A 86 -9.89 21.09 -8.92
N VAL A 94 -6.31 24.40 -0.38
CA VAL A 94 -5.44 23.77 -1.37
C VAL A 94 -4.07 24.53 -1.48
N SER A 95 -3.34 24.59 -0.36
CA SER A 95 -2.04 25.27 -0.32
C SER A 95 -1.00 24.56 -1.17
N VAL A 96 0.15 25.20 -1.38
CA VAL A 96 1.24 24.60 -2.15
C VAL A 96 1.81 23.39 -1.41
N GLU A 97 2.25 23.59 -0.17
CA GLU A 97 2.96 22.53 0.54
C GLU A 97 2.12 21.27 0.73
N GLU A 98 0.81 21.44 0.93
CA GLU A 98 -0.11 20.31 0.96
C GLU A 98 -0.07 19.53 -0.36
N GLU A 99 -0.26 20.21 -1.49
CA GLU A 99 -0.27 19.55 -2.80
C GLU A 99 0.91 18.59 -2.95
N ILE A 100 2.10 19.00 -2.51
CA ILE A 100 3.30 18.16 -2.59
C ILE A 100 3.19 16.97 -1.68
N LYS A 101 2.98 17.22 -0.39
CA LYS A 101 2.88 16.15 0.58
C LYS A 101 1.83 15.11 0.16
N ARG A 102 0.84 15.56 -0.60
CA ARG A 102 -0.17 14.67 -1.14
C ARG A 102 0.30 13.96 -2.42
N VAL A 103 0.69 14.74 -3.43
CA VAL A 103 1.10 14.21 -4.73
C VAL A 103 2.45 13.42 -4.77
N VAL A 104 3.42 13.82 -3.96
CA VAL A 104 4.74 13.18 -4.03
C VAL A 104 4.75 11.64 -3.71
N PRO A 105 4.19 11.22 -2.57
CA PRO A 105 4.07 9.77 -2.28
C PRO A 105 3.34 9.04 -3.43
N MET A 106 2.30 9.63 -4.00
CA MET A 106 1.69 8.99 -5.15
C MET A 106 2.68 8.69 -6.28
N ILE A 107 3.53 9.67 -6.62
CA ILE A 107 4.52 9.45 -7.68
C ILE A 107 5.56 8.39 -7.30
N GLN A 108 6.19 8.53 -6.14
CA GLN A 108 7.13 7.48 -5.71
C GLN A 108 6.57 6.07 -5.78
N ALA A 109 5.29 5.88 -5.42
CA ALA A 109 4.72 4.55 -5.38
C ALA A 109 4.40 4.05 -6.78
N VAL A 110 3.71 4.87 -7.57
CA VAL A 110 3.32 4.46 -8.91
C VAL A 110 4.59 4.23 -9.74
N SER A 111 5.53 5.16 -9.70
CA SER A 111 6.71 5.01 -10.56
C SER A 111 7.50 3.75 -10.21
N LYS A 112 7.55 3.44 -8.92
CA LYS A 112 8.30 2.28 -8.42
C LYS A 112 7.61 1.00 -8.86
N GLU A 113 6.29 1.04 -9.02
CA GLU A 113 5.55 -0.21 -9.21
C GLU A 113 4.91 -0.39 -10.58
N VAL A 114 4.71 0.71 -11.30
CA VAL A 114 4.21 0.72 -12.66
C VAL A 114 5.22 1.33 -13.64
N LYS A 115 5.68 0.53 -14.59
CA LYS A 115 6.63 0.99 -15.60
C LYS A 115 5.93 1.68 -16.77
N LEU A 116 5.43 2.89 -16.53
CA LEU A 116 4.92 3.80 -17.56
C LEU A 116 5.41 5.17 -17.15
N PRO A 117 5.64 6.07 -18.11
CA PRO A 117 5.96 7.47 -17.75
C PRO A 117 4.82 8.12 -16.99
N ILE A 118 5.13 8.87 -15.95
CA ILE A 118 4.12 9.57 -15.21
C ILE A 118 4.21 11.03 -15.56
N SER A 119 3.05 11.65 -15.80
CA SER A 119 2.99 13.10 -15.91
C SER A 119 2.36 13.70 -14.65
N ILE A 120 2.81 14.89 -14.27
CA ILE A 120 2.34 15.58 -13.08
C ILE A 120 1.46 16.70 -13.56
N ASP A 121 0.18 16.62 -13.19
CA ASP A 121 -0.84 17.60 -13.53
C ASP A 121 -0.93 18.70 -12.46
N THR A 122 -0.09 19.72 -12.62
CA THR A 122 0.01 20.89 -11.75
C THR A 122 0.33 22.09 -12.66
N TYR A 123 0.15 23.31 -12.17
CA TYR A 123 0.65 24.48 -12.90
C TYR A 123 1.72 25.21 -12.04
N LYS A 124 1.90 24.72 -10.81
CA LYS A 124 2.73 25.40 -9.84
C LYS A 124 4.17 24.94 -10.03
N ALA A 125 5.09 25.90 -9.93
CA ALA A 125 6.47 25.61 -10.29
C ALA A 125 7.06 24.64 -9.27
N GLU A 126 6.97 25.01 -7.99
CA GLU A 126 7.49 24.19 -6.90
C GLU A 126 6.94 22.76 -6.91
N VAL A 127 5.64 22.63 -7.21
CA VAL A 127 5.00 21.32 -7.33
C VAL A 127 5.60 20.52 -8.48
N ALA A 128 5.65 21.09 -9.67
CA ALA A 128 6.25 20.35 -10.78
C ALA A 128 7.64 19.81 -10.36
N LYS A 129 8.47 20.68 -9.82
CA LYS A 129 9.83 20.36 -9.46
C LYS A 129 9.93 19.16 -8.48
N GLN A 130 9.14 19.20 -7.41
CA GLN A 130 9.11 18.09 -6.46
C GLN A 130 8.73 16.80 -7.17
N ALA A 131 7.63 16.87 -7.94
CA ALA A 131 7.07 15.73 -8.66
C ALA A 131 8.09 15.03 -9.55
N ILE A 132 8.86 15.83 -10.31
CA ILE A 132 9.93 15.31 -11.16
C ILE A 132 10.97 14.64 -10.31
N GLU A 133 11.42 15.39 -9.29
CA GLU A 133 12.31 14.90 -8.26
C GLU A 133 11.83 13.57 -7.69
N ALA A 134 10.53 13.52 -7.38
CA ALA A 134 9.89 12.30 -6.93
C ALA A 134 9.78 11.23 -8.01
N GLY A 135 9.89 11.60 -9.28
CA GLY A 135 9.88 10.63 -10.36
C GLY A 135 8.90 10.91 -11.50
N ALA A 136 8.20 12.03 -11.47
CA ALA A 136 7.37 12.38 -12.61
C ALA A 136 8.23 12.64 -13.86
N HIS A 137 7.69 12.31 -15.03
CA HIS A 137 8.40 12.38 -16.31
C HIS A 137 7.95 13.51 -17.22
N ILE A 138 6.70 13.94 -17.11
CA ILE A 138 6.19 14.97 -17.99
C ILE A 138 5.49 16.02 -17.17
N ILE A 139 5.62 17.29 -17.50
CA ILE A 139 4.77 18.28 -16.84
C ILE A 139 3.47 18.47 -17.59
N ASN A 140 2.39 18.69 -16.84
CA ASN A 140 1.10 18.89 -17.44
C ASN A 140 0.37 20.09 -16.84
N ASP A 141 0.40 21.21 -17.57
CA ASP A 141 0.07 22.51 -17.02
C ASP A 141 -1.16 23.11 -17.64
N ILE A 142 -2.26 23.10 -16.91
CA ILE A 142 -3.52 23.59 -17.44
C ILE A 142 -3.53 25.11 -17.61
N TRP A 143 -2.38 25.74 -17.41
CA TRP A 143 -2.27 27.18 -17.63
C TRP A 143 -1.10 27.44 -18.50
N GLY A 144 -0.69 26.42 -19.25
CA GLY A 144 0.40 26.55 -20.19
C GLY A 144 1.42 27.66 -19.88
N ALA A 145 1.98 27.61 -18.67
CA ALA A 145 3.08 28.46 -18.25
C ALA A 145 2.68 29.89 -17.90
N LYS A 146 1.39 30.19 -18.00
CA LYS A 146 0.94 31.54 -17.73
C LYS A 146 0.62 31.82 -16.24
N ALA A 147 0.16 30.81 -15.51
CA ALA A 147 -0.14 31.02 -14.10
C ALA A 147 1.15 31.13 -13.29
N GLU A 148 2.15 30.37 -13.73
CA GLU A 148 3.42 30.29 -13.01
C GLU A 148 4.54 30.00 -14.00
N PRO A 149 4.98 31.06 -14.68
CA PRO A 149 6.05 31.01 -15.68
C PRO A 149 7.34 30.31 -15.25
N LYS A 150 7.71 30.41 -13.98
CA LYS A 150 8.88 29.66 -13.53
C LYS A 150 8.76 28.17 -13.90
N ILE A 151 7.55 27.69 -14.18
CA ILE A 151 7.34 26.26 -14.44
C ILE A 151 8.01 25.80 -15.73
N ALA A 152 8.03 26.67 -16.72
CA ALA A 152 8.75 26.42 -17.95
C ALA A 152 10.18 26.17 -17.58
N GLU A 153 10.70 27.04 -16.69
CA GLU A 153 12.09 26.97 -16.22
C GLU A 153 12.45 25.60 -15.65
N VAL A 154 11.57 25.08 -14.79
CA VAL A 154 11.76 23.76 -14.23
C VAL A 154 11.86 22.78 -15.36
N ALA A 155 10.84 22.80 -16.24
CA ALA A 155 10.76 21.91 -17.40
C ALA A 155 12.08 21.94 -18.16
N ALA A 156 12.54 23.15 -18.48
CA ALA A 156 13.83 23.38 -19.12
C ALA A 156 14.96 22.71 -18.38
N HIS A 157 15.05 22.95 -17.08
CA HIS A 157 16.13 22.38 -16.29
C HIS A 157 16.19 20.85 -16.38
N TYR A 158 15.07 20.17 -16.08
CA TYR A 158 15.05 18.71 -16.11
C TYR A 158 14.85 18.09 -17.50
N ASP A 159 14.78 18.93 -18.53
CA ASP A 159 14.70 18.42 -19.89
C ASP A 159 13.48 17.50 -20.17
N VAL A 160 12.31 17.87 -19.65
CA VAL A 160 11.14 16.98 -19.76
C VAL A 160 10.09 17.57 -20.67
N PRO A 161 9.27 16.72 -21.26
CA PRO A 161 8.14 17.23 -22.07
C PRO A 161 7.23 18.02 -21.16
N ILE A 162 6.69 19.13 -21.64
CA ILE A 162 5.69 19.87 -20.87
C ILE A 162 4.47 20.06 -21.72
N ILE A 163 3.29 19.84 -21.15
CA ILE A 163 2.07 20.07 -21.92
C ILE A 163 1.52 21.47 -21.63
N LEU A 164 1.23 22.19 -22.70
CA LEU A 164 0.74 23.53 -22.59
C LEU A 164 -0.70 23.56 -22.97
N MET A 165 -1.59 23.72 -22.00
CA MET A 165 -3.02 23.69 -22.31
C MET A 165 -3.49 25.09 -22.63
N HIS A 166 -4.49 25.20 -23.50
CA HIS A 166 -5.07 26.49 -23.70
C HIS A 166 -5.94 26.83 -22.51
N ASN A 167 -5.83 28.04 -21.99
CA ASN A 167 -6.67 28.49 -20.90
C ASN A 167 -6.68 30.01 -20.83
N ARG A 168 -7.61 30.58 -20.07
CA ARG A 168 -7.63 32.01 -19.85
C ARG A 168 -8.72 32.37 -18.88
N ASP A 169 -8.69 33.58 -18.35
CA ASP A 169 -9.67 34.02 -17.36
C ASP A 169 -10.85 34.75 -18.04
N ASN A 170 -11.41 34.24 -19.13
CA ASN A 170 -12.54 34.92 -19.75
C ASN A 170 -13.00 34.16 -20.96
N MET A 171 -14.23 34.38 -21.41
CA MET A 171 -14.75 33.65 -22.57
C MET A 171 -15.03 34.59 -23.72
N ASN A 172 -14.26 35.66 -23.81
CA ASN A 172 -14.55 36.66 -24.81
C ASN A 172 -13.63 36.60 -26.02
N TYR A 173 -14.06 35.88 -27.06
CA TYR A 173 -13.25 35.68 -28.25
C TYR A 173 -13.75 36.51 -29.46
N ARG A 174 -12.86 37.06 -30.26
CA ARG A 174 -13.32 37.59 -31.52
C ARG A 174 -13.44 36.45 -32.52
N ASN A 175 -12.54 35.47 -32.40
CA ASN A 175 -12.52 34.29 -33.27
C ASN A 175 -11.84 33.18 -32.47
N LEU A 176 -12.69 32.32 -31.85
CA LEU A 176 -12.27 31.23 -30.97
C LEU A 176 -10.98 30.59 -31.40
N MET A 177 -10.98 29.98 -32.57
CA MET A 177 -9.83 29.23 -33.02
C MET A 177 -8.59 30.08 -33.24
N ALA A 178 -8.74 31.26 -33.84
CA ALA A 178 -7.58 32.14 -34.02
C ALA A 178 -7.04 32.61 -32.67
N ASP A 179 -7.92 33.00 -31.77
CA ASP A 179 -7.50 33.32 -30.42
C ASP A 179 -6.85 32.17 -29.66
N MET A 180 -7.45 30.98 -29.72
CA MET A 180 -6.91 29.79 -29.11
C MET A 180 -5.46 29.58 -29.57
N ILE A 181 -5.26 29.71 -30.88
CA ILE A 181 -3.94 29.57 -31.47
C ILE A 181 -3.00 30.66 -31.00
N ALA A 182 -3.47 31.91 -31.03
CA ALA A 182 -2.76 33.02 -30.39
C ALA A 182 -2.37 32.69 -28.94
N ASP A 183 -3.34 32.32 -28.12
CA ASP A 183 -3.05 32.12 -26.71
C ASP A 183 -2.01 31.05 -26.49
N LEU A 184 -2.14 29.98 -27.28
CA LEU A 184 -1.23 28.85 -27.18
C LEU A 184 0.14 29.34 -27.57
N TYR A 185 0.19 30.13 -28.61
CA TYR A 185 1.44 30.66 -29.04
C TYR A 185 2.18 31.39 -27.95
N ASP A 186 1.43 32.14 -27.16
CA ASP A 186 1.99 32.81 -25.99
C ASP A 186 2.66 31.84 -25.01
N SER A 187 2.12 30.61 -24.90
CA SER A 187 2.70 29.63 -24.00
C SER A 187 4.01 29.12 -24.53
N ILE A 188 4.05 28.89 -25.83
CA ILE A 188 5.28 28.45 -26.48
C ILE A 188 6.43 29.48 -26.28
N LYS A 189 6.15 30.76 -26.55
CA LYS A 189 7.13 31.83 -26.33
C LYS A 189 7.59 31.92 -24.88
N ILE A 190 6.79 31.39 -23.95
CA ILE A 190 7.22 31.42 -22.56
C ILE A 190 8.12 30.22 -22.37
N ALA A 191 7.66 29.06 -22.85
CA ALA A 191 8.42 27.83 -22.77
C ALA A 191 9.77 28.01 -23.44
N LYS A 192 9.77 28.54 -24.66
CA LYS A 192 11.02 28.73 -25.38
C LYS A 192 12.03 29.70 -24.73
N ASP A 193 11.54 30.86 -24.29
CA ASP A 193 12.35 31.85 -23.60
C ASP A 193 12.93 31.34 -22.29
N ALA A 194 12.47 30.17 -21.88
CA ALA A 194 12.91 29.61 -20.62
C ALA A 194 13.92 28.51 -20.84
N GLY A 195 14.11 28.12 -22.11
CA GLY A 195 15.02 27.05 -22.49
C GLY A 195 14.38 25.78 -23.07
N VAL A 196 13.05 25.70 -23.06
CA VAL A 196 12.35 24.51 -23.52
C VAL A 196 12.55 24.21 -25.04
N ARG A 197 13.03 23.00 -25.39
CA ARG A 197 13.29 22.61 -26.77
C ARG A 197 11.99 22.27 -27.42
N ASP A 198 11.88 22.54 -28.72
CA ASP A 198 10.62 22.31 -29.45
C ASP A 198 10.08 20.93 -29.18
N GLU A 199 11.00 19.96 -29.11
CA GLU A 199 10.67 18.55 -28.99
C GLU A 199 10.11 18.21 -27.64
N ASN A 200 10.22 19.15 -26.71
CA ASN A 200 9.63 18.91 -25.42
C ASN A 200 8.34 19.61 -25.26
N ILE A 201 7.78 20.16 -26.34
CA ILE A 201 6.52 20.90 -26.20
C ILE A 201 5.32 20.13 -26.73
N ILE A 202 4.27 20.01 -25.91
CA ILE A 202 3.03 19.38 -26.35
C ILE A 202 1.87 20.38 -26.15
N LEU A 203 0.94 20.48 -27.08
CA LEU A 203 -0.15 21.40 -26.89
C LEU A 203 -1.49 20.70 -26.67
N ASP A 204 -2.44 21.47 -26.17
CA ASP A 204 -3.73 20.90 -25.83
C ASP A 204 -4.75 22.00 -25.94
N PRO A 205 -5.86 21.76 -26.61
CA PRO A 205 -6.87 22.80 -26.86
C PRO A 205 -7.62 23.25 -25.60
N GLY A 206 -7.42 22.56 -24.49
CA GLY A 206 -8.11 22.84 -23.25
C GLY A 206 -9.60 22.93 -23.46
N ILE A 207 -10.16 21.89 -24.07
CA ILE A 207 -11.62 21.73 -24.12
C ILE A 207 -12.14 21.64 -22.68
N GLY A 208 -13.12 22.46 -22.37
CA GLY A 208 -13.69 22.41 -21.06
C GLY A 208 -13.10 23.48 -20.17
N PHE A 209 -12.08 24.20 -20.65
CA PHE A 209 -11.65 25.41 -19.94
C PHE A 209 -11.92 26.67 -20.69
N ALA A 210 -12.47 27.65 -19.98
CA ALA A 210 -12.67 29.03 -20.48
C ALA A 210 -13.48 29.12 -21.78
N LYS A 211 -14.34 28.13 -21.96
CA LYS A 211 -15.14 28.03 -23.16
C LYS A 211 -16.58 27.72 -22.79
N THR A 212 -17.52 28.28 -23.53
CA THR A 212 -18.92 27.93 -23.37
C THR A 212 -19.16 26.55 -23.96
N PRO A 213 -20.30 25.91 -23.67
CA PRO A 213 -20.59 24.59 -24.23
C PRO A 213 -20.45 24.63 -25.73
N GLU A 214 -21.00 25.66 -26.36
CA GLU A 214 -20.99 25.73 -27.81
C GLU A 214 -19.60 26.00 -28.34
N GLN A 215 -18.82 26.79 -27.62
CA GLN A 215 -17.38 26.99 -27.94
C GLN A 215 -16.53 25.73 -27.90
N ASN A 216 -16.67 24.93 -26.86
CA ASN A 216 -16.07 23.59 -26.87
C ASN A 216 -16.37 22.77 -28.13
N LEU A 217 -17.63 22.75 -28.54
CA LEU A 217 -18.04 22.03 -29.73
C LEU A 217 -17.26 22.55 -30.92
N GLU A 218 -17.09 23.87 -30.97
CA GLU A 218 -16.46 24.53 -32.09
C GLU A 218 -14.95 24.27 -32.08
N ALA A 219 -14.29 24.35 -30.91
CA ALA A 219 -12.92 23.84 -30.83
C ALA A 219 -12.81 22.39 -31.35
N MET A 220 -13.65 21.48 -30.86
CA MET A 220 -13.66 20.12 -31.38
C MET A 220 -13.65 20.13 -32.88
N ARG A 221 -14.58 20.89 -33.43
CA ARG A 221 -14.87 20.87 -34.86
C ARG A 221 -13.74 21.53 -35.65
N ASN A 222 -12.83 22.21 -34.94
CA ASN A 222 -11.74 22.81 -35.66
C ASN A 222 -10.38 22.41 -35.14
N LEU A 223 -10.35 21.33 -34.37
CA LEU A 223 -9.11 20.88 -33.73
C LEU A 223 -7.92 20.77 -34.70
N GLU A 224 -8.15 20.34 -35.94
CA GLU A 224 -7.06 20.12 -36.88
C GLU A 224 -6.24 21.40 -37.06
N GLN A 225 -6.88 22.56 -36.91
CA GLN A 225 -6.15 23.82 -37.06
C GLN A 225 -4.97 23.83 -36.11
N LEU A 226 -5.09 23.23 -34.92
CA LEU A 226 -3.95 23.30 -34.00
C LEU A 226 -2.71 22.79 -34.65
N ASN A 227 -2.82 21.86 -35.56
CA ASN A 227 -1.60 21.31 -36.20
C ASN A 227 -0.71 22.30 -36.95
N VAL A 228 -1.23 23.47 -37.34
CA VAL A 228 -0.32 24.28 -38.11
C VAL A 228 0.82 24.73 -37.23
N LEU A 229 0.62 24.66 -35.91
CA LEU A 229 1.64 25.13 -34.96
C LEU A 229 2.88 24.24 -34.91
N GLY A 230 2.75 22.98 -35.36
CA GLY A 230 3.87 22.10 -35.58
C GLY A 230 4.26 21.27 -34.38
N TYR A 231 3.39 21.24 -33.37
CA TYR A 231 3.62 20.46 -32.16
C TYR A 231 2.55 19.41 -32.06
N PRO A 232 2.91 18.35 -31.34
CA PRO A 232 1.97 17.26 -31.00
C PRO A 232 0.87 17.81 -30.10
N VAL A 233 -0.32 17.24 -30.26
CA VAL A 233 -1.49 17.72 -29.59
C VAL A 233 -2.09 16.63 -28.69
N LEU A 234 -2.38 17.01 -27.43
CA LEU A 234 -3.12 16.15 -26.52
C LEU A 234 -4.56 16.64 -26.36
N LEU A 235 -5.52 15.73 -26.32
CA LEU A 235 -6.89 16.15 -26.19
C LEU A 235 -7.41 15.58 -24.90
N GLY A 236 -8.08 16.43 -24.09
CA GLY A 236 -8.63 16.03 -22.80
C GLY A 236 -10.10 16.38 -22.71
N THR A 237 -10.98 15.43 -23.02
CA THR A 237 -12.40 15.74 -23.05
C THR A 237 -13.19 14.82 -22.12
N SER A 238 -12.49 13.84 -21.57
CA SER A 238 -13.11 12.77 -20.77
C SER A 238 -14.22 13.23 -19.85
N ARG A 239 -15.42 12.80 -20.13
CA ARG A 239 -16.52 13.01 -19.18
C ARG A 239 -16.91 14.48 -18.89
N LYS A 240 -16.34 15.43 -19.60
CA LYS A 240 -16.58 16.84 -19.29
C LYS A 240 -18.03 17.34 -19.47
N SER A 241 -18.34 18.49 -18.86
CA SER A 241 -19.66 19.11 -18.95
C SER A 241 -20.28 19.08 -20.33
N PHE A 242 -19.54 19.56 -21.33
CA PHE A 242 -20.11 19.75 -22.66
C PHE A 242 -20.68 18.48 -23.30
N ILE A 243 -20.12 17.32 -22.95
CA ILE A 243 -20.75 16.06 -23.33
C ILE A 243 -22.12 15.92 -22.65
N GLY A 244 -22.13 16.22 -21.34
CA GLY A 244 -23.36 16.25 -20.56
C GLY A 244 -24.32 17.21 -21.20
N HIS A 245 -23.81 18.32 -21.70
CA HIS A 245 -24.67 19.37 -22.20
C HIS A 245 -25.36 18.89 -23.47
N VAL A 246 -24.64 18.10 -24.28
CA VAL A 246 -25.19 17.65 -25.53
C VAL A 246 -26.11 16.49 -25.25
N LEU A 247 -25.59 15.51 -24.55
CA LEU A 247 -26.30 14.25 -24.43
C LEU A 247 -27.34 14.29 -23.33
N ASP A 248 -27.26 15.31 -22.47
CA ASP A 248 -28.07 15.37 -21.26
C ASP A 248 -27.82 14.18 -20.37
N LEU A 249 -26.60 13.99 -19.91
CA LEU A 249 -26.32 12.84 -19.06
C LEU A 249 -25.26 13.10 -17.97
N PRO A 250 -25.51 12.57 -16.77
CA PRO A 250 -24.53 12.66 -15.68
C PRO A 250 -23.14 12.16 -16.10
N VAL A 251 -22.14 12.62 -15.34
CA VAL A 251 -20.71 12.35 -15.60
C VAL A 251 -20.43 10.87 -15.75
N GLU A 252 -21.20 10.03 -15.07
CA GLU A 252 -20.90 8.63 -15.04
C GLU A 252 -21.59 7.92 -16.20
N GLU A 253 -22.37 8.68 -16.96
CA GLU A 253 -23.14 8.19 -18.11
C GLU A 253 -22.58 8.78 -19.44
N ARG A 254 -21.30 9.13 -19.45
CA ARG A 254 -20.70 9.92 -20.52
C ARG A 254 -19.66 9.19 -21.36
N LEU A 255 -19.61 7.88 -21.23
CA LEU A 255 -18.66 7.07 -21.96
C LEU A 255 -18.78 7.17 -23.52
N GLU A 256 -19.98 7.03 -24.07
CA GLU A 256 -20.17 7.19 -25.52
C GLU A 256 -19.90 8.61 -26.08
N GLY A 257 -20.38 9.66 -25.41
CA GLY A 257 -19.96 11.02 -25.70
C GLY A 257 -18.44 11.15 -25.72
N THR A 258 -17.75 10.73 -24.66
CA THR A 258 -16.30 10.81 -24.59
C THR A 258 -15.76 10.13 -25.81
N GLY A 259 -16.32 8.97 -26.10
CA GLY A 259 -15.84 8.17 -27.23
C GLY A 259 -15.81 8.95 -28.53
N ALA A 260 -16.90 9.68 -28.79
CA ALA A 260 -17.03 10.40 -30.03
C ALA A 260 -15.93 11.46 -30.03
N THR A 261 -15.77 12.20 -28.94
CA THR A 261 -14.74 13.22 -28.93
C THR A 261 -13.33 12.65 -29.17
N VAL A 262 -13.04 11.49 -28.58
CA VAL A 262 -11.80 10.77 -28.83
C VAL A 262 -11.65 10.44 -30.30
N CYS A 263 -12.65 9.82 -30.89
CA CYS A 263 -12.57 9.51 -32.32
C CYS A 263 -12.34 10.73 -33.17
N LEU A 264 -13.19 11.75 -32.99
CA LEU A 264 -13.07 12.95 -33.81
C LEU A 264 -11.69 13.56 -33.61
N GLY A 265 -11.25 13.53 -32.37
CA GLY A 265 -9.92 14.02 -32.02
C GLY A 265 -8.86 13.33 -32.84
N ILE A 266 -8.89 11.99 -32.84
CA ILE A 266 -7.82 11.25 -33.50
C ILE A 266 -7.90 11.49 -35.02
N GLU A 267 -9.07 11.39 -35.60
CA GLU A 267 -9.16 11.74 -37.00
C GLU A 267 -8.55 13.14 -37.26
N LYS A 268 -8.77 14.11 -36.37
CA LYS A 268 -8.26 15.45 -36.62
C LYS A 268 -6.77 15.58 -36.32
N GLY A 269 -6.05 14.46 -36.18
CA GLY A 269 -4.61 14.50 -35.95
C GLY A 269 -4.01 14.58 -34.53
N CYS A 270 -4.82 14.57 -33.49
CA CYS A 270 -4.18 14.63 -32.16
C CYS A 270 -3.32 13.36 -31.80
N GLU A 271 -2.24 13.50 -31.03
CA GLU A 271 -1.31 12.37 -30.79
C GLU A 271 -1.55 11.65 -29.44
N PHE A 272 -2.35 12.27 -28.56
CA PHE A 272 -2.63 11.81 -27.20
C PHE A 272 -4.09 12.06 -26.86
N VAL A 273 -4.68 11.17 -26.08
CA VAL A 273 -5.92 11.51 -25.42
C VAL A 273 -5.83 11.27 -23.89
N ARG A 274 -6.48 12.13 -23.12
CA ARG A 274 -6.47 12.05 -21.69
C ARG A 274 -7.82 11.56 -21.25
N VAL A 275 -7.85 10.38 -20.68
CA VAL A 275 -9.13 9.70 -20.53
C VAL A 275 -9.26 8.89 -19.21
N HIS A 276 -10.47 8.93 -18.64
CA HIS A 276 -10.82 8.11 -17.47
C HIS A 276 -10.97 6.64 -17.83
N ASP A 277 -11.75 6.34 -18.85
CA ASP A 277 -12.01 4.96 -19.26
C ASP A 277 -10.94 4.28 -20.15
N VAL A 278 -9.79 3.97 -19.60
CA VAL A 278 -8.67 3.51 -20.40
C VAL A 278 -8.97 2.29 -21.27
N LYS A 279 -9.61 1.27 -20.71
CA LYS A 279 -10.02 0.12 -21.51
C LYS A 279 -10.80 0.49 -22.79
N GLU A 280 -11.95 1.13 -22.66
CA GLU A 280 -12.81 1.37 -23.79
C GLU A 280 -12.12 2.28 -24.81
N MET A 281 -11.50 3.34 -24.26
CA MET A 281 -10.88 4.39 -25.03
C MET A 281 -9.66 3.91 -25.80
N SER A 282 -8.96 2.94 -25.21
CA SER A 282 -7.86 2.30 -25.90
C SER A 282 -8.28 1.54 -27.15
N ARG A 283 -9.42 0.84 -27.03
CA ARG A 283 -9.97 0.12 -28.16
C ARG A 283 -10.41 1.08 -29.24
N MET A 284 -11.18 2.11 -28.91
CA MET A 284 -11.58 3.08 -29.93
C MET A 284 -10.35 3.67 -30.62
N ALA A 285 -9.38 4.12 -29.82
CA ALA A 285 -8.14 4.64 -30.38
C ALA A 285 -7.48 3.65 -31.35
N LYS A 286 -7.33 2.41 -30.91
CA LYS A 286 -6.71 1.40 -31.75
C LYS A 286 -7.50 1.26 -33.07
N MET A 287 -8.84 1.22 -33.02
CA MET A 287 -9.58 1.03 -34.26
C MET A 287 -9.43 2.27 -35.16
N MET A 288 -9.54 3.46 -34.57
CA MET A 288 -9.34 4.67 -35.36
C MET A 288 -7.97 4.61 -36.05
N ASP A 289 -6.95 4.28 -35.26
CA ASP A 289 -5.60 4.22 -35.80
C ASP A 289 -5.54 3.36 -37.04
N ALA A 290 -6.24 2.22 -37.01
CA ALA A 290 -6.18 1.33 -38.16
C ALA A 290 -6.94 1.91 -39.31
N MET A 291 -7.93 2.75 -39.01
CA MET A 291 -8.72 3.27 -40.11
C MET A 291 -7.94 4.39 -40.77
N ILE A 292 -7.44 5.32 -39.96
CA ILE A 292 -6.82 6.50 -40.54
C ILE A 292 -5.42 6.17 -41.04
N GLY A 293 -4.95 4.96 -40.79
CA GLY A 293 -3.65 4.51 -41.26
C GLY A 293 -2.47 4.94 -40.39
N LYS A 294 -2.72 5.23 -39.11
CA LYS A 294 -1.65 5.66 -38.20
C LYS A 294 -0.93 4.43 -37.79
N LYS B 22 -7.10 -36.05 20.19
CA LYS B 22 -6.32 -35.63 21.41
C LYS B 22 -6.67 -34.28 22.00
N TRP B 23 -7.00 -33.30 21.18
CA TRP B 23 -7.61 -32.10 21.73
C TRP B 23 -9.07 -32.16 21.37
N ASP B 24 -9.95 -32.08 22.35
CA ASP B 24 -11.35 -32.28 22.04
C ASP B 24 -12.10 -31.06 21.45
N TYR B 25 -11.33 -30.02 21.11
CA TYR B 25 -11.86 -28.81 20.51
C TYR B 25 -10.94 -28.18 19.47
N ASP B 26 -11.45 -27.17 18.74
CA ASP B 26 -10.71 -26.39 17.75
C ASP B 26 -10.56 -24.97 18.23
N LEU B 27 -9.56 -24.28 17.69
CA LEU B 27 -9.33 -22.92 18.11
C LEU B 27 -10.23 -22.04 17.30
N ARG B 28 -11.20 -21.46 17.97
CA ARG B 28 -12.16 -20.59 17.32
C ARG B 28 -11.58 -19.20 17.16
N CYS B 29 -11.59 -18.72 15.92
CA CYS B 29 -11.01 -17.42 15.57
C CYS B 29 -11.84 -16.73 14.51
N GLY B 30 -13.04 -16.29 14.89
CA GLY B 30 -13.92 -15.59 13.97
C GLY B 30 -14.12 -16.39 12.69
N GLU B 31 -13.76 -15.80 11.55
CA GLU B 31 -13.93 -16.51 10.28
C GLU B 31 -12.99 -17.72 10.08
N TYR B 32 -11.95 -17.87 10.90
CA TYR B 32 -11.03 -19.02 10.76
C TYR B 32 -11.05 -19.94 11.96
N THR B 33 -10.71 -21.20 11.73
CA THR B 33 -10.65 -22.18 12.80
C THR B 33 -9.35 -22.95 12.72
N LEU B 34 -8.64 -23.01 13.84
CA LEU B 34 -7.34 -23.68 13.84
C LEU B 34 -7.41 -25.00 14.57
N ASN B 35 -7.21 -26.08 13.82
CA ASN B 35 -7.16 -27.42 14.37
C ASN B 35 -5.87 -27.67 15.17
N LEU B 36 -6.01 -28.19 16.38
CA LEU B 36 -4.83 -28.39 17.21
C LEU B 36 -4.26 -29.77 17.09
N ASN B 37 -4.95 -30.66 16.39
CA ASN B 37 -4.44 -32.02 16.20
C ASN B 37 -3.66 -32.32 14.93
N GLU B 38 -4.00 -31.72 13.79
CA GLU B 38 -3.35 -32.21 12.58
C GLU B 38 -1.92 -31.77 12.44
N LYS B 39 -1.54 -30.60 12.95
CA LYS B 39 -0.19 -30.13 12.77
C LYS B 39 0.22 -29.11 13.78
N THR B 40 1.51 -28.99 14.04
CA THR B 40 2.07 -27.83 14.74
C THR B 40 1.75 -26.54 13.97
N LEU B 41 1.05 -25.60 14.58
CA LEU B 41 0.72 -24.35 13.90
C LEU B 41 1.86 -23.32 13.94
N ILE B 42 2.09 -22.66 12.82
CA ILE B 42 3.20 -21.75 12.69
C ILE B 42 2.67 -20.33 12.84
N MET B 43 3.12 -19.63 13.90
CA MET B 43 2.83 -18.22 14.03
C MET B 43 3.99 -17.42 13.46
N GLY B 44 3.72 -16.65 12.41
CA GLY B 44 4.77 -15.92 11.71
C GLY B 44 4.91 -14.56 12.32
N ILE B 45 6.13 -14.19 12.68
CA ILE B 45 6.36 -12.89 13.30
C ILE B 45 6.37 -11.80 12.24
N LEU B 46 5.40 -10.88 12.30
CA LEU B 46 5.41 -9.75 11.38
C LEU B 46 6.43 -8.69 11.77
N ASN B 47 7.29 -8.43 10.80
CA ASN B 47 8.39 -7.48 10.88
C ASN B 47 7.88 -6.05 10.68
N VAL B 48 8.25 -5.17 11.60
CA VAL B 48 7.64 -3.84 11.67
C VAL B 48 8.46 -2.65 11.09
N THR B 49 9.79 -2.66 11.30
CA THR B 49 10.71 -1.58 10.87
C THR B 49 10.08 -0.14 10.77
N PRO B 50 10.07 0.61 11.89
CA PRO B 50 9.65 2.02 11.87
C PRO B 50 10.47 2.88 10.91
N ASP B 55 5.36 8.07 10.31
CA ASP B 55 5.51 7.43 11.62
C ASP B 55 4.53 6.26 11.85
N GLY B 56 3.53 6.13 10.95
CA GLY B 56 2.59 5.02 11.05
C GLY B 56 1.20 5.24 10.48
N GLY B 57 0.83 4.38 9.52
CA GLY B 57 -0.39 4.54 8.75
C GLY B 57 -0.01 4.81 7.30
N SER B 58 1.30 5.00 7.08
CA SER B 58 1.86 5.45 5.81
C SER B 58 2.10 4.31 4.81
N TYR B 59 2.14 4.65 3.53
CA TYR B 59 2.17 3.65 2.46
C TYR B 59 3.31 2.64 2.61
N ASN B 60 4.50 3.12 2.96
CA ASN B 60 5.68 2.26 2.98
C ASN B 60 5.70 1.18 4.07
N GLU B 61 5.40 1.57 5.31
CA GLU B 61 5.38 0.59 6.37
C GLU B 61 4.22 -0.38 6.16
N VAL B 62 3.04 0.17 5.88
CA VAL B 62 1.87 -0.69 5.77
C VAL B 62 2.00 -1.61 4.54
N ASP B 63 2.65 -1.10 3.50
CA ASP B 63 2.91 -1.91 2.32
C ASP B 63 3.99 -3.00 2.51
N ALA B 64 5.08 -2.69 3.22
CA ALA B 64 6.10 -3.70 3.51
C ALA B 64 5.50 -4.79 4.38
N ALA B 65 4.67 -4.39 5.33
CA ALA B 65 4.03 -5.35 6.22
C ALA B 65 3.00 -6.22 5.50
N VAL B 66 2.26 -5.66 4.54
CA VAL B 66 1.35 -6.51 3.79
C VAL B 66 2.15 -7.52 2.97
N ARG B 67 3.19 -7.06 2.27
CA ARG B 67 4.10 -7.94 1.51
C ARG B 67 4.64 -9.07 2.38
N HIS B 68 5.07 -8.72 3.59
CA HIS B 68 5.77 -9.67 4.42
C HIS B 68 4.80 -10.73 4.90
N ALA B 69 3.55 -10.34 5.09
CA ALA B 69 2.57 -11.26 5.62
C ALA B 69 2.17 -12.10 4.44
N LYS B 70 2.05 -11.49 3.27
CA LYS B 70 1.76 -12.29 2.08
C LYS B 70 2.82 -13.35 1.93
N GLU B 71 4.06 -12.99 2.20
CA GLU B 71 5.15 -13.92 1.94
C GLU B 71 5.12 -15.03 2.99
N MET B 72 4.84 -14.71 4.25
CA MET B 72 4.73 -15.73 5.28
C MET B 72 3.55 -16.66 5.03
N ARG B 73 2.46 -16.12 4.47
CA ARG B 73 1.33 -16.98 4.10
C ARG B 73 1.72 -18.00 3.01
N ASP B 74 2.54 -17.55 2.06
CA ASP B 74 2.99 -18.45 1.01
C ASP B 74 3.97 -19.50 1.52
N GLU B 75 4.64 -19.23 2.64
CA GLU B 75 5.70 -20.08 3.13
C GLU B 75 5.23 -21.07 4.18
N GLY B 76 3.98 -20.94 4.60
CA GLY B 76 3.38 -21.94 5.46
C GLY B 76 2.89 -21.47 6.82
N ALA B 77 2.77 -20.16 6.98
CA ALA B 77 2.32 -19.58 8.26
C ALA B 77 0.81 -19.77 8.49
N HIS B 78 0.43 -20.09 9.72
CA HIS B 78 -0.98 -20.31 10.04
C HIS B 78 -1.60 -19.14 10.76
N ILE B 79 -0.75 -18.37 11.44
CA ILE B 79 -1.16 -17.16 12.12
C ILE B 79 -0.15 -16.09 11.78
N ILE B 80 -0.63 -14.86 11.56
CA ILE B 80 0.29 -13.70 11.53
C ILE B 80 0.24 -12.91 12.85
N ASP B 81 1.41 -12.72 13.45
CA ASP B 81 1.53 -12.03 14.74
C ASP B 81 2.09 -10.64 14.57
N ILE B 82 1.34 -9.63 14.99
CA ILE B 82 1.72 -8.23 14.75
C ILE B 82 1.99 -7.44 16.04
N GLY B 83 3.14 -6.77 16.11
CA GLY B 83 3.58 -6.11 17.35
C GLY B 83 3.88 -4.63 17.20
N GLY B 84 3.75 -3.86 18.28
CA GLY B 84 3.95 -2.40 18.21
C GLY B 84 4.97 -1.81 19.18
N GLU B 85 6.14 -2.45 19.34
CA GLU B 85 7.22 -2.04 20.28
C GLU B 85 8.26 -3.15 20.53
N SER B 86 9.52 -2.76 20.54
CA SER B 86 10.65 -3.63 20.92
C SER B 86 10.35 -4.52 22.14
N VAL B 94 6.60 3.08 24.85
CA VAL B 94 6.03 4.36 24.45
C VAL B 94 4.53 4.42 24.79
N SER B 95 3.91 5.57 24.49
CA SER B 95 2.51 5.87 24.76
C SER B 95 1.52 4.92 24.08
N VAL B 96 0.39 4.70 24.76
CA VAL B 96 -0.72 3.89 24.25
C VAL B 96 -1.28 4.41 22.92
N GLU B 97 -1.41 5.74 22.81
CA GLU B 97 -1.99 6.41 21.63
C GLU B 97 -1.22 6.06 20.37
N GLU B 98 0.11 6.13 20.48
CA GLU B 98 1.01 5.83 19.37
C GLU B 98 0.93 4.38 18.95
N GLU B 99 1.06 3.46 19.90
CA GLU B 99 1.00 2.04 19.57
C GLU B 99 -0.21 1.70 18.71
N ILE B 100 -1.37 2.27 19.03
CA ILE B 100 -2.56 2.03 18.22
C ILE B 100 -2.44 2.64 16.83
N LYS B 101 -2.22 3.95 16.77
CA LYS B 101 -2.12 4.65 15.50
C LYS B 101 -1.09 3.99 14.59
N ARG B 102 -0.23 3.18 15.18
CA ARG B 102 0.81 2.51 14.46
C ARG B 102 0.40 1.07 14.14
N VAL B 103 -0.18 0.37 15.12
CA VAL B 103 -0.57 -1.04 14.96
C VAL B 103 -1.92 -1.24 14.23
N VAL B 104 -2.86 -0.30 14.37
CA VAL B 104 -4.18 -0.53 13.81
C VAL B 104 -4.23 -0.58 12.27
N PRO B 105 -3.56 0.36 11.57
CA PRO B 105 -3.49 0.28 10.10
C PRO B 105 -2.91 -1.06 9.65
N MET B 106 -1.84 -1.49 10.30
CA MET B 106 -1.28 -2.80 10.00
C MET B 106 -2.30 -3.94 10.01
N ILE B 107 -3.15 -3.97 11.03
CA ILE B 107 -4.18 -5.00 11.13
C ILE B 107 -5.18 -4.88 9.99
N GLN B 108 -5.80 -3.71 9.82
CA GLN B 108 -6.76 -3.54 8.71
C GLN B 108 -6.18 -3.98 7.37
N ALA B 109 -4.93 -3.60 7.09
CA ALA B 109 -4.37 -3.92 5.80
C ALA B 109 -4.10 -5.42 5.71
N VAL B 110 -3.42 -6.00 6.68
CA VAL B 110 -3.14 -7.44 6.60
C VAL B 110 -4.41 -8.27 6.58
N SER B 111 -5.32 -8.04 7.52
CA SER B 111 -6.57 -8.79 7.56
C SER B 111 -7.35 -8.70 6.24
N LYS B 112 -7.45 -7.49 5.70
CA LYS B 112 -8.22 -7.36 4.49
C LYS B 112 -7.55 -8.02 3.27
N GLU B 113 -6.25 -8.29 3.36
CA GLU B 113 -5.53 -8.76 2.19
C GLU B 113 -4.95 -10.15 2.34
N VAL B 114 -4.82 -10.60 3.58
CA VAL B 114 -4.29 -11.94 3.88
C VAL B 114 -5.29 -12.71 4.75
N LYS B 115 -5.73 -13.85 4.21
CA LYS B 115 -6.70 -14.72 4.88
C LYS B 115 -6.01 -15.69 5.82
N LEU B 116 -5.58 -15.17 6.95
CA LEU B 116 -5.09 -15.96 8.07
C LEU B 116 -5.57 -15.20 9.30
N PRO B 117 -5.75 -15.89 10.42
CA PRO B 117 -6.02 -15.20 11.69
C PRO B 117 -4.81 -14.35 12.10
N ILE B 118 -5.07 -13.15 12.58
CA ILE B 118 -4.02 -12.27 13.06
C ILE B 118 -4.03 -12.26 14.58
N SER B 119 -2.87 -12.28 15.20
CA SER B 119 -2.84 -12.05 16.63
C SER B 119 -2.16 -10.74 16.92
N ILE B 120 -2.67 -10.04 17.92
CA ILE B 120 -2.11 -8.77 18.38
C ILE B 120 -1.17 -8.99 19.56
N ASP B 121 0.10 -8.65 19.36
CA ASP B 121 1.15 -8.79 20.36
C ASP B 121 1.30 -7.52 21.20
N THR B 122 0.41 -7.37 22.16
CA THR B 122 0.43 -6.24 23.09
C THR B 122 0.16 -6.84 24.47
N TYR B 123 0.30 -6.04 25.53
CA TYR B 123 -0.15 -6.45 26.86
C TYR B 123 -1.09 -5.38 27.39
N LYS B 124 -1.24 -4.29 26.62
CA LYS B 124 -2.06 -3.16 27.05
C LYS B 124 -3.50 -3.48 26.70
N ALA B 125 -4.43 -3.07 27.57
CA ALA B 125 -5.82 -3.47 27.40
C ALA B 125 -6.44 -2.70 26.26
N GLU B 126 -6.26 -1.39 26.28
CA GLU B 126 -6.77 -0.52 25.23
C GLU B 126 -6.24 -0.91 23.83
N VAL B 127 -4.97 -1.30 23.77
CA VAL B 127 -4.37 -1.74 22.52
C VAL B 127 -5.02 -3.02 22.01
N ALA B 128 -5.11 -4.04 22.85
CA ALA B 128 -5.80 -5.26 22.46
C ALA B 128 -7.19 -4.94 21.88
N LYS B 129 -7.96 -4.14 22.62
CA LYS B 129 -9.31 -3.81 22.23
C LYS B 129 -9.38 -3.16 20.82
N GLN B 130 -8.47 -2.24 20.54
CA GLN B 130 -8.46 -1.57 19.24
C GLN B 130 -8.13 -2.57 18.14
N ALA B 131 -7.08 -3.34 18.39
CA ALA B 131 -6.60 -4.29 17.41
C ALA B 131 -7.69 -5.27 17.00
N ILE B 132 -8.47 -5.74 17.96
CA ILE B 132 -9.54 -6.70 17.69
C ILE B 132 -10.56 -6.00 16.85
N GLU B 133 -10.95 -4.83 17.33
CA GLU B 133 -11.86 -3.95 16.63
C GLU B 133 -11.38 -3.72 15.19
N ALA B 134 -10.06 -3.57 15.04
CA ALA B 134 -9.46 -3.37 13.74
C ALA B 134 -9.39 -4.68 12.94
N GLY B 135 -9.53 -5.83 13.60
CA GLY B 135 -9.56 -7.11 12.89
C GLY B 135 -8.65 -8.20 13.46
N ALA B 136 -7.91 -7.89 14.53
CA ALA B 136 -7.06 -8.89 15.18
C ALA B 136 -7.95 -9.98 15.77
N HIS B 137 -7.45 -11.21 15.79
CA HIS B 137 -8.24 -12.39 16.16
C HIS B 137 -7.85 -13.01 17.50
N ILE B 138 -6.58 -12.86 17.87
CA ILE B 138 -6.05 -13.52 19.05
C ILE B 138 -5.30 -12.47 19.85
N ILE B 139 -5.37 -12.53 21.18
CA ILE B 139 -4.50 -11.67 21.97
C ILE B 139 -3.25 -12.41 22.36
N ASN B 140 -2.12 -11.72 22.27
CA ASN B 140 -0.80 -12.28 22.59
C ASN B 140 -0.05 -11.42 23.57
N ASP B 141 -0.04 -11.88 24.83
CA ASP B 141 0.32 -11.02 25.93
C ASP B 141 1.49 -11.55 26.68
N ILE B 142 2.63 -10.87 26.51
CA ILE B 142 3.89 -11.29 27.13
C ILE B 142 3.91 -10.96 28.63
N TRP B 143 2.75 -10.69 29.21
CA TRP B 143 2.69 -10.52 30.64
C TRP B 143 1.51 -11.32 31.16
N GLY B 144 0.98 -12.17 30.29
CA GLY B 144 -0.08 -13.09 30.67
C GLY B 144 -1.05 -12.49 31.67
N ALA B 145 -1.61 -11.33 31.29
CA ALA B 145 -2.65 -10.63 32.04
C ALA B 145 -2.20 -9.94 33.33
N LYS B 146 -0.90 -9.95 33.60
CA LYS B 146 -0.44 -9.40 34.87
C LYS B 146 -0.05 -7.93 34.76
N ALA B 147 0.40 -7.49 33.58
CA ALA B 147 0.77 -6.08 33.48
C ALA B 147 -0.48 -5.22 33.45
N GLU B 148 -1.51 -5.74 32.79
CA GLU B 148 -2.73 -4.99 32.57
C GLU B 148 -3.95 -5.91 32.59
N PRO B 149 -4.37 -6.31 33.79
CA PRO B 149 -5.43 -7.31 34.01
C PRO B 149 -6.73 -7.10 33.24
N LYS B 150 -7.10 -5.84 33.01
CA LYS B 150 -8.28 -5.55 32.19
C LYS B 150 -8.20 -6.22 30.80
N ILE B 151 -7.01 -6.66 30.41
CA ILE B 151 -6.84 -7.27 29.09
C ILE B 151 -7.56 -8.59 28.98
N ALA B 152 -7.61 -9.34 30.07
CA ALA B 152 -8.40 -10.54 30.09
C ALA B 152 -9.85 -10.17 29.87
N GLU B 153 -10.32 -9.11 30.52
CA GLU B 153 -11.69 -8.66 30.31
C GLU B 153 -11.99 -8.44 28.84
N VAL B 154 -11.02 -7.88 28.12
CA VAL B 154 -11.24 -7.57 26.71
C VAL B 154 -11.42 -8.87 25.99
N ALA B 155 -10.48 -9.78 26.24
CA ALA B 155 -10.47 -11.12 25.66
C ALA B 155 -11.80 -11.78 25.87
N ALA B 156 -12.23 -11.79 27.12
CA ALA B 156 -13.55 -12.31 27.52
C ALA B 156 -14.67 -11.70 26.70
N HIS B 157 -14.69 -10.37 26.60
CA HIS B 157 -15.75 -9.69 25.85
C HIS B 157 -15.83 -10.16 24.40
N TYR B 158 -14.70 -10.13 23.70
CA TYR B 158 -14.68 -10.49 22.29
C TYR B 158 -14.58 -11.99 22.02
N ASP B 159 -14.59 -12.80 23.09
CA ASP B 159 -14.54 -14.25 22.96
C ASP B 159 -13.37 -14.78 22.09
N VAL B 160 -12.16 -14.26 22.33
CA VAL B 160 -10.99 -14.63 21.51
C VAL B 160 -9.96 -15.43 22.31
N PRO B 161 -9.16 -16.26 21.61
CA PRO B 161 -8.01 -16.92 22.23
C PRO B 161 -7.08 -15.89 22.80
N ILE B 162 -6.52 -16.13 23.98
CA ILE B 162 -5.49 -15.23 24.49
C ILE B 162 -4.31 -16.04 24.89
N ILE B 163 -3.12 -15.54 24.59
CA ILE B 163 -1.89 -16.27 24.92
C ILE B 163 -1.32 -15.65 26.18
N LEU B 164 -1.05 -16.50 27.16
CA LEU B 164 -0.53 -16.03 28.43
C LEU B 164 0.90 -16.47 28.52
N MET B 165 1.83 -15.53 28.37
CA MET B 165 3.25 -15.90 28.39
C MET B 165 3.80 -15.85 29.79
N HIS B 166 4.71 -16.75 30.10
CA HIS B 166 5.35 -16.68 31.38
C HIS B 166 6.24 -15.45 31.42
N ASN B 167 6.14 -14.67 32.48
CA ASN B 167 7.03 -13.53 32.67
C ASN B 167 7.16 -13.15 34.16
N ARG B 168 8.12 -12.29 34.48
CA ARG B 168 8.17 -11.73 35.83
C ARG B 168 9.29 -10.73 35.96
N ASP B 169 9.29 -9.97 37.04
CA ASP B 169 10.26 -8.88 37.15
C ASP B 169 11.58 -9.30 37.80
N ASN B 170 11.85 -10.60 37.92
CA ASN B 170 13.08 -11.06 38.56
C ASN B 170 13.44 -12.43 38.00
N MET B 171 14.67 -12.87 38.24
CA MET B 171 15.11 -14.21 37.82
C MET B 171 15.46 -15.09 38.99
N ASN B 172 14.75 -14.92 40.11
CA ASN B 172 15.11 -15.67 41.32
C ASN B 172 14.14 -16.83 41.54
N TYR B 173 14.54 -18.04 41.12
CA TYR B 173 13.66 -19.18 41.22
C TYR B 173 14.13 -20.20 42.24
N ARG B 174 13.19 -20.70 43.02
CA ARG B 174 13.42 -21.76 43.96
C ARG B 174 13.57 -23.04 43.13
N ASN B 175 12.80 -23.11 42.05
CA ASN B 175 12.75 -24.25 41.13
C ASN B 175 12.06 -23.78 39.84
N LEU B 176 12.86 -23.44 38.85
CA LEU B 176 12.37 -22.86 37.60
C LEU B 176 11.03 -23.42 37.18
N MET B 177 11.00 -24.70 36.88
CA MET B 177 9.78 -25.25 36.29
C MET B 177 8.52 -25.22 37.14
N ALA B 178 8.64 -25.47 38.44
CA ALA B 178 7.50 -25.45 39.33
C ALA B 178 7.08 -24.02 39.49
N ASP B 179 8.05 -23.11 39.58
CA ASP B 179 7.75 -21.69 39.63
C ASP B 179 7.09 -21.19 38.36
N MET B 180 7.64 -21.55 37.20
CA MET B 180 7.02 -21.14 35.92
C MET B 180 5.54 -21.52 35.87
N ILE B 181 5.28 -22.80 36.18
CA ILE B 181 3.93 -23.35 36.26
C ILE B 181 3.10 -22.55 37.25
N ALA B 182 3.60 -22.41 38.47
CA ALA B 182 2.98 -21.50 39.43
C ALA B 182 2.59 -20.14 38.81
N ASP B 183 3.56 -19.40 38.29
CA ASP B 183 3.29 -18.09 37.71
C ASP B 183 2.25 -18.17 36.63
N LEU B 184 2.30 -19.24 35.83
CA LEU B 184 1.38 -19.42 34.70
C LEU B 184 -0.03 -19.59 35.22
N TYR B 185 -0.14 -20.34 36.31
CA TYR B 185 -1.41 -20.46 37.02
C TYR B 185 -2.02 -19.18 37.49
N ASP B 186 -1.17 -18.29 37.94
CA ASP B 186 -1.63 -16.97 38.26
C ASP B 186 -2.30 -16.27 37.05
N SER B 187 -1.76 -16.51 35.86
CA SER B 187 -2.34 -15.88 34.70
C SER B 187 -3.71 -16.43 34.32
N ILE B 188 -3.88 -17.73 34.51
CA ILE B 188 -5.13 -18.42 34.19
C ILE B 188 -6.23 -17.92 35.11
N LYS B 189 -5.95 -17.90 36.41
CA LYS B 189 -6.92 -17.45 37.39
C LYS B 189 -7.38 -16.04 37.06
N ILE B 190 -6.47 -15.24 36.50
CA ILE B 190 -6.86 -13.88 36.09
C ILE B 190 -7.75 -13.96 34.86
N ALA B 191 -7.33 -14.72 33.85
CA ALA B 191 -8.16 -14.94 32.66
C ALA B 191 -9.55 -15.43 33.06
N LYS B 192 -9.61 -16.49 33.86
CA LYS B 192 -10.89 -17.11 34.24
C LYS B 192 -11.79 -16.23 35.07
N ASP B 193 -11.22 -15.53 36.04
CA ASP B 193 -11.96 -14.59 36.88
C ASP B 193 -12.47 -13.43 36.07
N ALA B 194 -12.05 -13.33 34.82
CA ALA B 194 -12.48 -12.23 33.98
C ALA B 194 -13.48 -12.70 32.94
N GLY B 195 -13.75 -14.01 32.93
CA GLY B 195 -14.72 -14.62 32.03
C GLY B 195 -14.14 -15.44 30.88
N VAL B 196 -12.81 -15.50 30.75
CA VAL B 196 -12.17 -16.28 29.69
C VAL B 196 -12.41 -17.80 29.79
N ARG B 197 -12.94 -18.40 28.73
CA ARG B 197 -13.24 -19.83 28.69
C ARG B 197 -11.96 -20.61 28.50
N ASP B 198 -11.88 -21.79 29.09
CA ASP B 198 -10.67 -22.60 29.02
C ASP B 198 -10.18 -22.78 27.58
N GLU B 199 -11.13 -22.92 26.67
CA GLU B 199 -10.78 -23.15 25.28
C GLU B 199 -10.14 -21.95 24.64
N ASN B 200 -10.18 -20.81 25.30
CA ASN B 200 -9.55 -19.65 24.73
C ASN B 200 -8.25 -19.35 25.41
N ILE B 201 -7.73 -20.28 26.18
CA ILE B 201 -6.46 -20.03 26.84
C ILE B 201 -5.33 -20.80 26.19
N ILE B 202 -4.25 -20.10 25.90
CA ILE B 202 -3.03 -20.72 25.39
C ILE B 202 -1.88 -20.29 26.31
N LEU B 203 -0.96 -21.19 26.62
CA LEU B 203 0.18 -20.79 27.44
C LEU B 203 1.50 -20.81 26.68
N ASP B 204 2.48 -20.10 27.25
CA ASP B 204 3.75 -19.95 26.59
C ASP B 204 4.73 -19.87 27.70
N PRO B 205 5.83 -20.63 27.57
CA PRO B 205 6.89 -20.66 28.60
C PRO B 205 7.69 -19.34 28.69
N GLY B 206 7.50 -18.40 27.77
CA GLY B 206 8.31 -17.20 27.68
C GLY B 206 9.81 -17.45 27.83
N ILE B 207 10.32 -18.33 26.95
CA ILE B 207 11.76 -18.49 26.75
C ILE B 207 12.29 -17.15 26.25
N GLY B 208 13.24 -16.59 26.98
CA GLY B 208 13.80 -15.32 26.56
C GLY B 208 13.34 -14.23 27.50
N PHE B 209 12.33 -14.54 28.31
CA PHE B 209 11.93 -13.58 29.34
C PHE B 209 12.22 -14.02 30.77
N ALA B 210 12.88 -13.13 31.50
CA ALA B 210 13.08 -13.24 32.95
C ALA B 210 13.79 -14.54 33.27
N LYS B 211 14.69 -14.93 32.37
CA LYS B 211 15.45 -16.17 32.52
C LYS B 211 16.89 -15.97 32.08
N THR B 212 17.83 -16.53 32.86
CA THR B 212 19.24 -16.49 32.49
C THR B 212 19.39 -17.44 31.32
N PRO B 213 20.46 -17.30 30.53
CA PRO B 213 20.67 -18.22 29.41
C PRO B 213 20.49 -19.67 29.85
N GLU B 214 21.15 -20.09 30.92
CA GLU B 214 21.02 -21.49 31.36
C GLU B 214 19.63 -21.80 31.80
N GLN B 215 18.94 -20.87 32.46
CA GLN B 215 17.55 -21.11 32.80
C GLN B 215 16.69 -21.33 31.55
N ASN B 216 16.85 -20.53 30.52
CA ASN B 216 16.17 -20.85 29.24
C ASN B 216 16.43 -22.29 28.78
N LEU B 217 17.69 -22.71 28.84
CA LEU B 217 18.08 -24.06 28.46
C LEU B 217 17.26 -25.07 29.23
N GLU B 218 17.17 -24.83 30.52
CA GLU B 218 16.44 -25.68 31.44
C GLU B 218 14.87 -25.68 31.16
N ALA B 219 14.30 -24.50 30.93
CA ALA B 219 12.92 -24.50 30.49
C ALA B 219 12.78 -25.36 29.24
N MET B 220 13.54 -25.13 28.17
CA MET B 220 13.45 -25.99 26.97
C MET B 220 13.49 -27.47 27.34
N ARG B 221 14.38 -27.81 28.23
CA ARG B 221 14.61 -29.20 28.54
C ARG B 221 13.41 -29.79 29.31
N ASN B 222 12.58 -28.93 29.91
CA ASN B 222 11.49 -29.46 30.69
C ASN B 222 10.11 -29.06 30.19
N LEU B 223 10.08 -28.63 28.93
CA LEU B 223 8.94 -27.97 28.42
C LEU B 223 7.72 -28.86 28.56
N GLU B 224 7.88 -30.17 28.49
CA GLU B 224 6.73 -31.08 28.51
C GLU B 224 5.91 -30.99 29.82
N GLN B 225 6.58 -30.66 30.92
CA GLN B 225 5.87 -30.37 32.15
C GLN B 225 4.77 -29.35 31.99
N LEU B 226 4.92 -28.40 31.07
CA LEU B 226 3.83 -27.46 30.85
C LEU B 226 2.51 -28.16 30.54
N ASN B 227 2.59 -29.28 29.83
CA ASN B 227 1.38 -30.02 29.46
C ASN B 227 0.48 -30.45 30.61
N VAL B 228 0.99 -30.64 31.82
CA VAL B 228 0.02 -31.06 32.83
C VAL B 228 -1.04 -30.01 33.03
N LEU B 229 -0.74 -28.77 32.67
CA LEU B 229 -1.72 -27.73 32.93
C LEU B 229 -3.00 -27.88 32.12
N GLY B 230 -2.94 -28.64 31.01
CA GLY B 230 -4.08 -28.94 30.18
C GLY B 230 -4.51 -27.90 29.13
N TYR B 231 -3.60 -26.98 28.84
CA TYR B 231 -3.81 -26.01 27.76
C TYR B 231 -2.78 -26.18 26.64
N PRO B 232 -3.19 -25.80 25.44
CA PRO B 232 -2.26 -25.67 24.32
C PRO B 232 -1.09 -24.73 24.71
N VAL B 233 0.07 -25.05 24.15
CA VAL B 233 1.28 -24.32 24.49
C VAL B 233 1.94 -23.76 23.23
N LEU B 234 2.34 -22.47 23.32
CA LEU B 234 2.99 -21.81 22.21
C LEU B 234 4.44 -21.62 22.59
N LEU B 235 5.33 -21.92 21.67
CA LEU B 235 6.76 -21.75 21.92
C LEU B 235 7.38 -20.64 21.05
N GLY B 236 8.09 -19.72 21.69
CA GLY B 236 8.68 -18.57 21.01
C GLY B 236 10.16 -18.40 21.31
N THR B 237 11.00 -18.89 20.40
CA THR B 237 12.40 -18.93 20.69
C THR B 237 13.19 -18.29 19.59
N SER B 238 12.46 -17.92 18.53
CA SER B 238 13.05 -17.50 17.25
C SER B 238 14.15 -16.51 17.43
N ARG B 239 15.35 -16.92 17.03
CA ARG B 239 16.55 -16.05 16.99
C ARG B 239 17.00 -15.43 18.33
N LYS B 240 16.41 -15.89 19.43
CA LYS B 240 16.63 -15.23 20.69
C LYS B 240 18.04 -15.39 21.18
N SER B 241 18.35 -14.57 22.17
CA SER B 241 19.67 -14.40 22.70
C SER B 241 20.31 -15.69 23.20
N PHE B 242 19.56 -16.56 23.88
CA PHE B 242 20.15 -17.83 24.38
C PHE B 242 20.71 -18.76 23.29
N ILE B 243 20.11 -18.74 22.10
CA ILE B 243 20.70 -19.44 20.97
C ILE B 243 22.04 -18.80 20.62
N GLY B 244 22.09 -17.47 20.58
CA GLY B 244 23.38 -16.81 20.42
C GLY B 244 24.39 -17.28 21.47
N HIS B 245 23.92 -17.48 22.69
CA HIS B 245 24.83 -17.68 23.79
C HIS B 245 25.50 -19.03 23.66
N VAL B 246 24.72 -20.01 23.19
CA VAL B 246 25.20 -21.36 23.06
C VAL B 246 26.02 -21.42 21.79
N LEU B 247 25.43 -20.96 20.69
CA LEU B 247 26.07 -21.13 19.40
C LEU B 247 27.17 -20.12 19.14
N ASP B 248 27.16 -19.03 19.91
CA ASP B 248 28.04 -17.89 19.67
C ASP B 248 27.83 -17.29 18.29
N LEU B 249 26.62 -16.84 18.00
CA LEU B 249 26.33 -16.29 16.68
C LEU B 249 25.34 -15.10 16.70
N PRO B 250 25.60 -14.09 15.87
CA PRO B 250 24.65 -12.97 15.76
C PRO B 250 23.23 -13.42 15.41
N VAL B 251 22.26 -12.56 15.72
CA VAL B 251 20.84 -12.80 15.49
C VAL B 251 20.51 -13.26 14.08
N GLU B 252 21.29 -12.81 13.10
CA GLU B 252 20.99 -13.17 11.71
C GLU B 252 21.62 -14.50 11.31
N GLU B 253 22.42 -15.10 12.20
CA GLU B 253 23.09 -16.37 11.98
C GLU B 253 22.47 -17.43 12.93
N ARG B 254 21.19 -17.30 13.25
CA ARG B 254 20.60 -18.13 14.29
C ARG B 254 19.56 -19.13 13.80
N LEU B 255 19.47 -19.29 12.49
CA LEU B 255 18.44 -20.13 11.93
C LEU B 255 18.50 -21.59 12.42
N GLU B 256 19.67 -22.22 12.37
CA GLU B 256 19.81 -23.62 12.81
C GLU B 256 19.57 -23.81 14.31
N GLY B 257 20.03 -22.88 15.13
CA GLY B 257 19.73 -22.91 16.53
C GLY B 257 18.24 -22.88 16.75
N THR B 258 17.53 -21.94 16.10
CA THR B 258 16.05 -21.82 16.20
C THR B 258 15.44 -23.15 15.87
N GLY B 259 15.93 -23.73 14.80
CA GLY B 259 15.43 -25.00 14.36
C GLY B 259 15.47 -26.08 15.42
N ALA B 260 16.58 -26.20 16.12
CA ALA B 260 16.67 -27.21 17.13
C ALA B 260 15.64 -26.95 18.20
N THR B 261 15.46 -25.70 18.61
CA THR B 261 14.48 -25.41 19.65
C THR B 261 13.04 -25.71 19.21
N VAL B 262 12.73 -25.40 17.95
CA VAL B 262 11.46 -25.74 17.36
C VAL B 262 11.23 -27.24 17.35
N CYS B 263 12.21 -27.99 16.88
CA CYS B 263 12.08 -29.44 16.95
C CYS B 263 11.89 -29.93 18.38
N LEU B 264 12.77 -29.54 19.29
CA LEU B 264 12.68 -30.07 20.65
C LEU B 264 11.33 -29.70 21.20
N GLY B 265 10.91 -28.44 20.96
CA GLY B 265 9.60 -27.93 21.37
C GLY B 265 8.46 -28.80 20.85
N ILE B 266 8.50 -29.15 19.56
CA ILE B 266 7.43 -29.98 19.02
C ILE B 266 7.48 -31.35 19.67
N GLU B 267 8.66 -31.94 19.78
CA GLU B 267 8.69 -33.25 20.40
C GLU B 267 8.14 -33.21 21.82
N LYS B 268 8.25 -32.08 22.49
CA LYS B 268 7.77 -32.03 23.85
C LYS B 268 6.28 -31.62 23.95
N GLY B 269 5.55 -31.69 22.84
CA GLY B 269 4.12 -31.43 22.84
C GLY B 269 3.64 -30.02 22.58
N CYS B 270 4.46 -29.10 22.12
CA CYS B 270 3.85 -27.78 21.99
C CYS B 270 2.97 -27.72 20.74
N GLU B 271 1.91 -26.93 20.76
CA GLU B 271 0.94 -26.86 19.63
C GLU B 271 1.23 -25.76 18.57
N PHE B 272 2.04 -24.77 18.95
CA PHE B 272 2.37 -23.61 18.11
C PHE B 272 3.82 -23.26 18.29
N VAL B 273 4.43 -22.74 17.22
CA VAL B 273 5.70 -22.04 17.35
C VAL B 273 5.65 -20.63 16.71
N ARG B 274 6.29 -19.67 17.35
CA ARG B 274 6.31 -18.30 16.91
C ARG B 274 7.67 -18.03 16.31
N VAL B 275 7.72 -17.66 15.03
CA VAL B 275 8.98 -17.77 14.32
C VAL B 275 9.15 -16.80 13.17
N HIS B 276 10.37 -16.30 13.02
CA HIS B 276 10.71 -15.42 11.91
C HIS B 276 10.79 -16.17 10.57
N ASP B 277 11.42 -17.33 10.59
CA ASP B 277 11.80 -18.02 9.37
C ASP B 277 10.72 -18.98 8.95
N VAL B 278 9.57 -18.43 8.57
CA VAL B 278 8.41 -19.25 8.32
C VAL B 278 8.70 -20.40 7.37
N LYS B 279 9.38 -20.12 6.26
CA LYS B 279 9.70 -21.18 5.30
C LYS B 279 10.43 -22.35 5.98
N GLU B 280 11.60 -22.09 6.53
CA GLU B 280 12.47 -23.15 7.03
C GLU B 280 11.76 -23.93 8.16
N MET B 281 11.20 -23.16 9.07
CA MET B 281 10.57 -23.67 10.26
C MET B 281 9.30 -24.48 9.98
N SER B 282 8.58 -24.09 8.94
CA SER B 282 7.41 -24.85 8.52
C SER B 282 7.76 -26.26 8.07
N ARG B 283 8.85 -26.37 7.33
CA ARG B 283 9.35 -27.66 6.90
C ARG B 283 9.78 -28.50 8.11
N MET B 284 10.60 -27.93 9.00
CA MET B 284 11.04 -28.69 10.18
C MET B 284 9.83 -29.20 10.95
N ALA B 285 8.90 -28.30 11.25
CA ALA B 285 7.65 -28.68 11.86
C ALA B 285 6.92 -29.83 11.09
N LYS B 286 6.79 -29.71 9.78
CA LYS B 286 6.09 -30.74 9.04
C LYS B 286 6.81 -32.07 9.21
N MET B 287 8.14 -32.07 9.24
CA MET B 287 8.88 -33.33 9.39
C MET B 287 8.82 -33.90 10.81
N MET B 288 8.85 -33.04 11.82
CA MET B 288 8.63 -33.52 13.19
C MET B 288 7.23 -34.12 13.34
N ASP B 289 6.24 -33.40 12.82
CA ASP B 289 4.88 -33.87 12.90
C ASP B 289 4.76 -35.30 12.35
N ALA B 290 5.41 -35.58 11.22
CA ALA B 290 5.30 -36.91 10.66
C ALA B 290 6.12 -37.91 11.47
N MET B 291 7.17 -37.47 12.14
CA MET B 291 7.94 -38.42 12.92
C MET B 291 7.18 -38.76 14.20
N ILE B 292 6.68 -37.73 14.88
CA ILE B 292 5.98 -37.98 16.14
C ILE B 292 4.52 -38.43 15.95
N GLY B 293 4.05 -38.50 14.71
CA GLY B 293 2.74 -39.04 14.41
C GLY B 293 1.59 -38.10 14.70
N LYS B 294 1.87 -36.79 14.71
CA LYS B 294 0.87 -35.73 14.89
C LYS B 294 0.07 -35.63 13.60
#